data_7TA4
#
_entry.id   7TA4
#
_cell.length_a   101.827
_cell.length_b   78.807
_cell.length_c   103.759
_cell.angle_alpha   90.000
_cell.angle_beta   115.515
_cell.angle_gamma   90.000
#
_symmetry.space_group_name_H-M   'C 1 2 1'
#
loop_
_entity.id
_entity.type
_entity.pdbx_description
1 polymer '3C-like proteinase'
2 polymer 'Nonstructural protein 9/10'
3 water water
#
loop_
_entity_poly.entity_id
_entity_poly.type
_entity_poly.pdbx_seq_one_letter_code
_entity_poly.pdbx_strand_id
1 'polypeptide(L)'
;SGFRKMAFPSGKVEGCMVQVTCGTTTLNGLWLDDVVYCPRHVICTSEDMLNPNYEDLLIRKSNHNFLVQAGNVQLRVIGH
SMQNCVLKLKVDTANPKTPKYKFVRIQPGQTFSVLACYNGSPSGVYQCAMRPNFTIKGSFLNGSAGSVGFNIDYDCVSFC
YMHHMELPTGVHAGTDLEGNFYGPFVDRQTAQAAGTDTTITVNVLAWLYAAVINGDRWFLNRFTTTLNDFNLVAMKYNYE
PLTQDHVDILGPLSAQTGIAVLDMCASLKELLQNGMNGRTILGSALLEDEFTPFDVVRQCSGVTFQ
;
A,B
2 'polypeptide(L)' ATVRLQAGNA C,D
#
# COMPACT_ATOMS: atom_id res chain seq x y z
N SER A 1 7.96 -15.60 1.99
CA SER A 1 6.55 -15.67 2.31
C SER A 1 6.04 -14.34 2.89
N GLY A 2 4.80 -14.34 3.37
CA GLY A 2 4.08 -13.17 3.83
C GLY A 2 3.05 -12.72 2.81
N PHE A 3 2.07 -11.93 3.28
CA PHE A 3 1.01 -11.50 2.37
C PHE A 3 0.50 -10.14 2.78
N ARG A 4 0.60 -9.16 1.88
CA ARG A 4 0.35 -7.78 2.21
C ARG A 4 -0.52 -7.14 1.14
N LYS A 5 -1.36 -6.18 1.56
CA LYS A 5 -2.05 -5.33 0.60
C LYS A 5 -0.98 -4.54 -0.14
N MET A 6 -0.79 -4.83 -1.42
CA MET A 6 0.37 -4.34 -2.15
C MET A 6 -0.08 -3.59 -3.38
N ALA A 7 0.35 -2.34 -3.53
CA ALA A 7 0.03 -1.52 -4.69
C ALA A 7 1.09 -1.69 -5.77
N PHE A 8 0.75 -1.32 -7.00
CA PHE A 8 1.75 -1.30 -8.06
C PHE A 8 2.72 -0.13 -7.83
N PRO A 9 3.96 -0.25 -8.30
CA PRO A 9 4.86 0.89 -8.24
C PRO A 9 4.25 2.07 -8.98
N SER A 10 4.35 3.26 -8.40
CA SER A 10 3.56 4.40 -8.87
C SER A 10 4.31 5.35 -9.80
N GLY A 11 5.59 5.10 -10.06
CA GLY A 11 6.41 6.06 -10.80
C GLY A 11 5.81 6.49 -12.13
N LYS A 12 5.32 5.53 -12.93
CA LYS A 12 4.78 5.89 -14.24
C LYS A 12 3.58 6.82 -14.13
N VAL A 13 2.83 6.72 -13.03
CA VAL A 13 1.65 7.57 -12.85
C VAL A 13 2.03 8.92 -12.28
N GLU A 14 3.01 8.94 -11.34
CA GLU A 14 3.46 10.19 -10.74
C GLU A 14 3.80 11.21 -11.82
N GLY A 15 4.46 10.77 -12.88
CA GLY A 15 4.91 11.65 -13.94
C GLY A 15 3.82 12.18 -14.82
N CYS A 16 2.58 11.76 -14.58
CA CYS A 16 1.43 12.25 -15.31
C CYS A 16 0.58 13.22 -14.50
N MET A 17 0.89 13.47 -13.23
CA MET A 17 -0.09 14.14 -12.40
C MET A 17 0.16 15.64 -12.50
N VAL A 18 -0.90 16.41 -12.73
CA VAL A 18 -0.83 17.87 -12.82
C VAL A 18 -1.91 18.48 -11.95
N GLN A 19 -1.83 19.80 -11.79
CA GLN A 19 -2.84 20.54 -11.06
C GLN A 19 -3.69 21.36 -12.04
N VAL A 20 -4.99 21.39 -11.83
CA VAL A 20 -5.91 22.14 -12.67
C VAL A 20 -6.72 23.06 -11.78
N THR A 21 -6.74 24.36 -12.12
CA THR A 21 -7.44 25.34 -11.31
C THR A 21 -8.38 26.17 -12.19
N CYS A 22 -9.59 26.39 -11.70
CA CYS A 22 -10.57 27.26 -12.33
CA CYS A 22 -10.59 27.26 -12.32
C CYS A 22 -11.13 28.19 -11.26
N GLY A 23 -10.81 29.48 -11.35
CA GLY A 23 -11.22 30.36 -10.29
C GLY A 23 -10.49 29.99 -9.00
N THR A 24 -11.24 29.73 -7.93
CA THR A 24 -10.64 29.25 -6.69
C THR A 24 -10.80 27.75 -6.52
N THR A 25 -11.34 27.06 -7.51
CA THR A 25 -11.56 25.62 -7.44
C THR A 25 -10.40 24.89 -8.09
N THR A 26 -9.80 23.94 -7.35
CA THR A 26 -8.59 23.30 -7.84
C THR A 26 -8.64 21.80 -7.55
N LEU A 27 -8.05 21.02 -8.44
CA LEU A 27 -8.00 19.57 -8.24
C LEU A 27 -6.87 19.02 -9.09
N ASN A 28 -6.82 17.69 -9.24
CA ASN A 28 -5.74 17.05 -9.97
C ASN A 28 -6.20 16.70 -11.38
N GLY A 29 -5.24 16.70 -12.30
CA GLY A 29 -5.49 16.25 -13.65
C GLY A 29 -4.48 15.20 -14.06
N LEU A 30 -4.82 14.44 -15.11
CA LEU A 30 -3.98 13.38 -15.63
C LEU A 30 -3.50 13.79 -17.02
N TRP A 31 -2.19 13.99 -17.17
CA TRP A 31 -1.58 14.54 -18.38
C TRP A 31 -0.97 13.40 -19.19
N LEU A 32 -1.63 13.05 -20.30
CA LEU A 32 -1.17 12.01 -21.19
C LEU A 32 -1.09 12.60 -22.59
N ASP A 33 0.09 12.51 -23.20
CA ASP A 33 0.37 13.15 -24.49
C ASP A 33 -0.04 14.61 -24.34
N ASP A 34 -0.85 15.19 -25.24
CA ASP A 34 -1.15 16.62 -25.13
C ASP A 34 -2.54 16.90 -24.57
N VAL A 35 -3.07 16.00 -23.74
CA VAL A 35 -4.39 16.18 -23.14
C VAL A 35 -4.31 15.99 -21.63
N VAL A 36 -4.99 16.86 -20.90
CA VAL A 36 -5.17 16.73 -19.46
C VAL A 36 -6.62 16.36 -19.18
N TYR A 37 -6.82 15.24 -18.48
CA TYR A 37 -8.13 14.73 -18.08
C TYR A 37 -8.36 15.10 -16.62
N CYS A 38 -9.52 15.67 -16.30
CA CYS A 38 -9.82 15.96 -14.89
C CYS A 38 -11.32 15.93 -14.68
N PRO A 39 -11.78 15.82 -13.42
CA PRO A 39 -13.22 15.86 -13.15
C PRO A 39 -13.82 17.19 -13.55
N ARG A 40 -15.01 17.15 -14.14
CA ARG A 40 -15.58 18.39 -14.66
C ARG A 40 -15.96 19.38 -13.55
N HIS A 41 -16.15 18.91 -12.28
CA HIS A 41 -16.61 19.93 -11.31
C HIS A 41 -15.54 20.93 -10.94
N VAL A 42 -14.36 20.91 -11.58
CA VAL A 42 -13.41 22.00 -11.38
C VAL A 42 -14.01 23.32 -11.85
N ILE A 43 -14.98 23.27 -12.76
CA ILE A 43 -15.59 24.51 -13.24
C ILE A 43 -16.71 25.02 -12.34
N CYS A 44 -16.98 24.32 -11.23
CA CYS A 44 -17.96 24.78 -10.25
C CYS A 44 -17.32 25.71 -9.25
N THR A 45 -18.00 26.82 -8.96
CA THR A 45 -17.75 27.48 -7.69
C THR A 45 -18.51 26.74 -6.60
N SER A 46 -18.24 27.14 -5.34
CA SER A 46 -18.93 26.54 -4.21
C SER A 46 -20.45 26.61 -4.35
N GLU A 47 -20.97 27.75 -4.82
CA GLU A 47 -22.40 27.91 -4.98
C GLU A 47 -22.98 27.06 -6.10
N ASP A 48 -22.16 26.65 -7.07
CA ASP A 48 -22.58 25.84 -8.20
C ASP A 48 -22.81 24.37 -7.86
N MET A 49 -22.37 23.91 -6.70
CA MET A 49 -22.13 22.48 -6.52
C MET A 49 -23.38 21.70 -6.13
N LEU A 50 -24.44 22.40 -5.68
CA LEU A 50 -25.65 21.69 -5.26
C LEU A 50 -26.49 21.28 -6.47
N ASN A 51 -26.57 22.14 -7.50
CA ASN A 51 -27.37 21.87 -8.67
C ASN A 51 -26.69 22.48 -9.88
N PRO A 52 -25.48 21.99 -10.22
CA PRO A 52 -24.77 22.56 -11.38
C PRO A 52 -25.45 22.15 -12.67
N ASN A 53 -25.44 23.08 -13.64
CA ASN A 53 -25.72 22.74 -15.03
C ASN A 53 -24.39 22.84 -15.75
N TYR A 54 -23.71 21.70 -15.93
CA TYR A 54 -22.35 21.75 -16.43
C TYR A 54 -22.28 22.31 -17.84
N GLU A 55 -23.28 22.05 -18.69
CA GLU A 55 -23.26 22.63 -20.03
C GLU A 55 -23.19 24.15 -19.98
N ASP A 56 -24.06 24.76 -19.15
CA ASP A 56 -24.03 26.20 -18.96
C ASP A 56 -22.70 26.67 -18.40
N LEU A 57 -22.22 26.02 -17.34
CA LEU A 57 -21.01 26.51 -16.71
C LEU A 57 -19.83 26.46 -17.67
N LEU A 58 -19.79 25.44 -18.54
CA LEU A 58 -18.66 25.28 -19.42
C LEU A 58 -18.68 26.25 -20.60
N ILE A 59 -19.88 26.55 -21.12
CA ILE A 59 -19.96 27.46 -22.27
C ILE A 59 -19.46 28.85 -21.89
N ARG A 60 -19.58 29.21 -20.61
CA ARG A 60 -19.09 30.50 -20.14
C ARG A 60 -17.60 30.51 -19.87
N LYS A 61 -16.91 29.38 -20.05
CA LYS A 61 -15.47 29.30 -19.86
C LYS A 61 -14.78 29.30 -21.22
N SER A 62 -13.60 29.89 -21.25
CA SER A 62 -12.68 29.76 -22.37
C SER A 62 -11.38 29.11 -21.88
N ASN A 63 -10.50 28.82 -22.85
CA ASN A 63 -9.25 28.09 -22.55
C ASN A 63 -8.44 28.78 -21.45
N HIS A 64 -8.35 30.10 -21.48
CA HIS A 64 -7.48 30.77 -20.50
C HIS A 64 -8.03 30.71 -19.09
N ASN A 65 -9.29 30.28 -18.92
CA ASN A 65 -9.88 30.10 -17.59
C ASN A 65 -9.36 28.85 -16.90
N PHE A 66 -8.58 27.99 -17.59
CA PHE A 66 -8.07 26.75 -17.04
C PHE A 66 -6.58 26.90 -16.81
N LEU A 67 -6.16 26.93 -15.54
CA LEU A 67 -4.75 27.02 -15.18
C LEU A 67 -4.24 25.62 -14.89
N VAL A 68 -3.36 25.11 -15.73
CA VAL A 68 -2.78 23.78 -15.57
C VAL A 68 -1.30 23.94 -15.24
N GLN A 69 -0.86 23.31 -14.14
CA GLN A 69 0.52 23.39 -13.69
C GLN A 69 1.10 21.99 -13.59
N ALA A 70 2.22 21.78 -14.25
CA ALA A 70 2.99 20.55 -14.15
C ALA A 70 4.26 20.90 -13.37
N GLY A 71 4.25 20.60 -12.07
CA GLY A 71 5.29 21.13 -11.20
C GLY A 71 5.19 22.64 -11.18
N ASN A 72 6.27 23.32 -11.54
CA ASN A 72 6.24 24.78 -11.64
C ASN A 72 5.92 25.27 -13.04
N VAL A 73 5.95 24.38 -14.04
CA VAL A 73 5.69 24.77 -15.42
C VAL A 73 4.19 24.89 -15.65
N GLN A 74 3.76 26.04 -16.15
CA GLN A 74 2.35 26.23 -16.49
C GLN A 74 2.14 25.78 -17.93
N LEU A 75 1.17 24.88 -18.14
CA LEU A 75 0.84 24.39 -19.47
C LEU A 75 -0.26 25.25 -20.07
N ARG A 76 -0.07 25.69 -21.31
CA ARG A 76 -1.08 26.51 -21.97
C ARG A 76 -2.19 25.62 -22.52
N VAL A 77 -3.43 25.91 -22.16
CA VAL A 77 -4.58 25.17 -22.65
C VAL A 77 -5.00 25.79 -23.97
N ILE A 78 -5.07 24.96 -25.02
CA ILE A 78 -5.43 25.41 -26.37
C ILE A 78 -6.77 24.85 -26.84
N GLY A 79 -7.46 24.07 -26.00
CA GLY A 79 -8.77 23.56 -26.36
C GLY A 79 -9.35 22.81 -25.18
N HIS A 80 -10.68 22.73 -25.16
CA HIS A 80 -11.33 22.02 -24.06
C HIS A 80 -12.60 21.37 -24.57
N SER A 81 -12.99 20.27 -23.91
CA SER A 81 -14.26 19.62 -24.20
C SER A 81 -14.66 18.76 -23.00
N MET A 82 -15.96 18.54 -22.87
CA MET A 82 -16.59 17.73 -21.83
C MET A 82 -16.93 16.36 -22.41
N GLN A 83 -16.51 15.30 -21.74
CA GLN A 83 -16.97 13.95 -22.08
C GLN A 83 -17.56 13.37 -20.81
N ASN A 84 -18.89 13.24 -20.77
CA ASN A 84 -19.57 12.73 -19.59
C ASN A 84 -19.15 13.56 -18.38
N CYS A 85 -18.57 12.97 -17.35
CA CYS A 85 -18.22 13.73 -16.15
C CYS A 85 -16.76 14.17 -16.09
N VAL A 86 -16.01 14.07 -17.19
CA VAL A 86 -14.63 14.55 -17.20
C VAL A 86 -14.46 15.65 -18.24
N LEU A 87 -13.46 16.48 -17.99
CA LEU A 87 -12.98 17.48 -18.93
C LEU A 87 -11.70 16.99 -19.60
N LYS A 88 -11.57 17.31 -20.87
CA LYS A 88 -10.37 17.04 -21.65
C LYS A 88 -9.79 18.39 -22.05
N LEU A 89 -8.64 18.74 -21.50
CA LEU A 89 -8.00 20.02 -21.79
C LEU A 89 -6.83 19.74 -22.73
N LYS A 90 -6.95 20.18 -23.98
CA LYS A 90 -5.82 20.06 -24.90
C LYS A 90 -4.78 21.10 -24.54
N VAL A 91 -3.52 20.68 -24.43
CA VAL A 91 -2.45 21.60 -24.07
C VAL A 91 -1.45 21.66 -25.21
N ASP A 92 -0.60 22.70 -25.17
CA ASP A 92 0.38 22.91 -26.22
C ASP A 92 1.63 22.04 -26.10
N THR A 93 1.73 21.20 -25.07
CA THR A 93 2.92 20.38 -24.85
C THR A 93 2.49 18.95 -24.59
N ALA A 94 3.14 18.00 -25.26
CA ALA A 94 2.92 16.59 -24.97
C ALA A 94 3.76 16.21 -23.76
N ASN A 95 3.15 15.47 -22.83
CA ASN A 95 3.87 14.94 -21.68
C ASN A 95 5.02 14.04 -22.12
N PRO A 96 6.27 14.44 -21.93
CA PRO A 96 7.39 13.57 -22.34
C PRO A 96 7.51 12.32 -21.47
N LYS A 97 6.83 12.29 -20.33
CA LYS A 97 6.80 11.13 -19.44
C LYS A 97 5.55 10.27 -19.63
N THR A 98 4.80 10.46 -20.71
CA THR A 98 3.63 9.63 -20.95
C THR A 98 4.04 8.15 -21.05
N PRO A 99 3.52 7.28 -20.19
CA PRO A 99 3.83 5.85 -20.32
C PRO A 99 2.99 5.23 -21.41
N LYS A 100 3.32 3.98 -21.74
CA LYS A 100 2.36 3.18 -22.49
C LYS A 100 1.12 3.02 -21.61
N TYR A 101 -0.06 3.21 -22.18
CA TYR A 101 -1.24 3.21 -21.32
C TYR A 101 -2.49 2.78 -22.08
N LYS A 102 -3.50 2.41 -21.29
CA LYS A 102 -4.86 2.14 -21.76
C LYS A 102 -5.85 2.76 -20.80
N PHE A 103 -7.02 3.16 -21.32
CA PHE A 103 -8.17 3.46 -20.47
C PHE A 103 -9.05 2.21 -20.42
N VAL A 104 -9.34 1.71 -19.22
CA VAL A 104 -10.13 0.50 -19.05
C VAL A 104 -11.26 0.78 -18.09
N ARG A 105 -12.32 -0.02 -18.19
CA ARG A 105 -13.40 0.01 -17.21
C ARG A 105 -13.40 -1.31 -16.47
N ILE A 106 -13.34 -1.23 -15.14
CA ILE A 106 -13.29 -2.43 -14.33
C ILE A 106 -14.69 -2.77 -13.83
N GLN A 107 -14.81 -3.95 -13.23
CA GLN A 107 -16.05 -4.46 -12.68
C GLN A 107 -15.92 -4.65 -11.17
N PRO A 108 -17.03 -4.59 -10.45
CA PRO A 108 -17.01 -4.84 -9.00
C PRO A 108 -16.31 -6.15 -8.71
N GLY A 109 -15.53 -6.16 -7.63
CA GLY A 109 -14.70 -7.30 -7.29
C GLY A 109 -13.26 -7.17 -7.72
N GLN A 110 -12.95 -6.32 -8.71
CA GLN A 110 -11.56 -6.15 -9.11
C GLN A 110 -10.86 -5.06 -8.31
N THR A 111 -9.54 -5.13 -8.28
CA THR A 111 -8.72 -4.28 -7.45
C THR A 111 -7.87 -3.36 -8.31
N PHE A 112 -7.31 -2.34 -7.67
CA PHE A 112 -6.46 -1.38 -8.36
C PHE A 112 -5.72 -0.55 -7.32
N SER A 113 -4.67 0.10 -7.79
CA SER A 113 -3.86 0.98 -6.96
C SER A 113 -4.34 2.41 -7.14
N VAL A 114 -4.37 3.17 -6.04
CA VAL A 114 -4.73 4.58 -6.07
C VAL A 114 -3.49 5.39 -5.73
N LEU A 115 -3.16 6.36 -6.58
CA LEU A 115 -2.14 7.36 -6.24
C LEU A 115 -2.90 8.60 -5.76
N ALA A 116 -3.00 8.76 -4.45
CA ALA A 116 -3.69 9.93 -3.91
C ALA A 116 -2.81 11.16 -4.08
N CYS A 117 -3.41 12.23 -4.59
CA CYS A 117 -2.70 13.43 -4.96
C CYS A 117 -3.44 14.65 -4.45
N TYR A 118 -2.68 15.71 -4.18
CA TYR A 118 -3.23 17.01 -3.82
C TYR A 118 -2.41 18.06 -4.53
N ASN A 119 -3.09 19.04 -5.13
CA ASN A 119 -2.44 20.15 -5.84
C ASN A 119 -1.48 19.65 -6.92
N GLY A 120 -1.85 18.56 -7.58
CA GLY A 120 -1.01 17.95 -8.58
C GLY A 120 0.19 17.18 -8.05
N SER A 121 0.33 17.04 -6.73
CA SER A 121 1.52 16.41 -6.17
C SER A 121 1.15 15.07 -5.53
N PRO A 122 1.78 13.97 -5.93
CA PRO A 122 1.46 12.67 -5.33
C PRO A 122 1.77 12.66 -3.85
N SER A 123 0.85 12.07 -3.08
CA SER A 123 0.95 12.00 -1.62
C SER A 123 1.17 10.59 -1.09
N GLY A 124 0.54 9.58 -1.69
CA GLY A 124 0.69 8.22 -1.22
C GLY A 124 0.00 7.25 -2.15
N VAL A 125 0.28 5.97 -1.94
CA VAL A 125 -0.27 4.92 -2.78
C VAL A 125 -0.84 3.83 -1.87
N TYR A 126 -2.02 3.32 -2.25
CA TYR A 126 -2.65 2.22 -1.53
C TYR A 126 -3.52 1.44 -2.49
N GLN A 127 -3.90 0.24 -2.07
CA GLN A 127 -4.66 -0.70 -2.87
C GLN A 127 -6.15 -0.61 -2.53
N CYS A 128 -7.03 -0.71 -3.54
CA CYS A 128 -8.48 -0.61 -3.38
C CYS A 128 -9.18 -1.72 -4.15
N ALA A 129 -10.36 -2.12 -3.70
CA ALA A 129 -11.27 -2.95 -4.48
C ALA A 129 -12.50 -2.16 -4.85
N MET A 130 -13.01 -2.36 -6.06
CA MET A 130 -14.32 -1.82 -6.39
C MET A 130 -15.38 -2.71 -5.74
N ARG A 131 -16.20 -2.12 -4.87
CA ARG A 131 -17.18 -2.91 -4.12
C ARG A 131 -18.31 -3.37 -5.05
N PRO A 132 -19.03 -4.42 -4.64
CA PRO A 132 -20.19 -4.84 -5.43
C PRO A 132 -21.19 -3.72 -5.66
N ASN A 133 -21.27 -2.72 -4.76
CA ASN A 133 -22.18 -1.60 -4.95
C ASN A 133 -21.52 -0.40 -5.66
N PHE A 134 -20.37 -0.65 -6.31
CA PHE A 134 -19.63 0.26 -7.16
C PHE A 134 -18.93 1.39 -6.40
N THR A 135 -18.93 1.40 -5.07
CA THR A 135 -18.14 2.38 -4.34
C THR A 135 -16.76 1.80 -4.07
N ILE A 136 -15.86 2.64 -3.60
CA ILE A 136 -14.57 2.15 -3.14
C ILE A 136 -14.33 2.73 -1.76
N LYS A 137 -13.62 1.98 -0.92
CA LYS A 137 -13.34 2.42 0.44
C LYS A 137 -11.92 2.96 0.41
N GLY A 138 -11.81 4.23 0.07
CA GLY A 138 -10.52 4.85 -0.11
C GLY A 138 -10.13 5.71 1.07
N SER A 139 -9.14 6.55 0.84
CA SER A 139 -8.67 7.54 1.80
C SER A 139 -8.45 8.82 1.01
N PHE A 140 -9.43 9.72 1.08
CA PHE A 140 -9.46 10.91 0.21
C PHE A 140 -9.94 12.11 0.99
N LEU A 141 -9.25 13.23 0.85
CA LEU A 141 -9.62 14.51 1.48
C LEU A 141 -9.99 15.53 0.39
N ASN A 142 -10.43 16.70 0.83
CA ASN A 142 -10.69 17.78 -0.11
C ASN A 142 -9.41 18.10 -0.87
N GLY A 143 -9.53 18.29 -2.17
CA GLY A 143 -8.39 18.44 -3.04
C GLY A 143 -7.96 17.17 -3.73
N SER A 144 -8.47 16.00 -3.31
CA SER A 144 -8.04 14.73 -3.91
C SER A 144 -8.74 14.38 -5.21
N ALA A 145 -9.78 15.10 -5.60
CA ALA A 145 -10.46 14.75 -6.85
C ALA A 145 -9.47 14.78 -8.00
N GLY A 146 -9.64 13.87 -8.95
CA GLY A 146 -8.70 13.74 -10.05
C GLY A 146 -7.57 12.78 -9.81
N SER A 147 -7.33 12.38 -8.56
CA SER A 147 -6.48 11.23 -8.28
C SER A 147 -6.99 10.01 -9.06
N VAL A 148 -6.07 9.17 -9.55
CA VAL A 148 -6.47 8.07 -10.41
C VAL A 148 -6.13 6.72 -9.80
N GLY A 149 -6.91 5.72 -10.23
CA GLY A 149 -6.68 4.32 -9.92
C GLY A 149 -6.18 3.60 -11.16
N PHE A 150 -5.37 2.57 -10.96
CA PHE A 150 -4.65 2.00 -12.09
C PHE A 150 -4.12 0.60 -11.73
N ASN A 151 -3.83 -0.15 -12.77
CA ASN A 151 -3.10 -1.42 -12.70
C ASN A 151 -1.97 -1.34 -13.72
N ILE A 152 -0.89 -2.07 -13.47
CA ILE A 152 0.23 -2.08 -14.41
C ILE A 152 0.45 -3.51 -14.86
N ASP A 153 0.57 -3.70 -16.17
CA ASP A 153 0.86 -5.00 -16.78
C ASP A 153 1.95 -4.80 -17.83
N TYR A 154 3.14 -5.34 -17.54
CA TYR A 154 4.26 -5.31 -18.48
C TYR A 154 4.53 -3.88 -18.96
N ASP A 155 4.67 -2.97 -18.01
CA ASP A 155 4.94 -1.55 -18.26
C ASP A 155 3.84 -0.83 -19.05
N CYS A 156 2.64 -1.40 -19.15
CA CYS A 156 1.47 -0.68 -19.66
C CYS A 156 0.57 -0.32 -18.48
N VAL A 157 0.29 0.96 -18.31
CA VAL A 157 -0.57 1.41 -17.22
C VAL A 157 -2.01 1.39 -17.72
N SER A 158 -2.86 0.59 -17.08
CA SER A 158 -4.30 0.57 -17.37
C SER A 158 -4.98 1.45 -16.33
N PHE A 159 -5.34 2.67 -16.75
CA PHE A 159 -6.07 3.59 -15.88
C PHE A 159 -7.53 3.17 -15.83
N CYS A 160 -8.06 2.93 -14.64
CA CYS A 160 -9.42 2.45 -14.52
C CYS A 160 -10.34 3.35 -13.70
N TYR A 161 -9.80 4.30 -12.95
CA TYR A 161 -10.64 5.08 -12.03
C TYR A 161 -10.12 6.50 -11.95
N MET A 162 -11.03 7.47 -11.93
CA MET A 162 -10.67 8.84 -11.57
C MET A 162 -11.56 9.23 -10.39
N HIS A 163 -10.98 9.82 -9.36
CA HIS A 163 -11.75 10.10 -8.15
C HIS A 163 -12.55 11.39 -8.26
N HIS A 164 -13.83 11.36 -7.82
CA HIS A 164 -14.66 12.58 -7.81
C HIS A 164 -15.13 12.98 -6.42
N MET A 165 -15.67 12.06 -5.62
CA MET A 165 -16.40 12.57 -4.46
C MET A 165 -16.52 11.55 -3.36
N GLU A 166 -17.08 12.00 -2.23
CA GLU A 166 -17.30 11.18 -1.04
C GLU A 166 -18.77 11.17 -0.67
N LEU A 167 -19.33 9.98 -0.50
CA LEU A 167 -20.71 9.81 -0.05
C LEU A 167 -20.80 10.03 1.46
N PRO A 168 -22.00 10.37 1.95
CA PRO A 168 -22.16 10.63 3.39
C PRO A 168 -21.72 9.50 4.31
N THR A 169 -21.73 8.25 3.84
CA THR A 169 -21.24 7.14 4.66
C THR A 169 -19.72 7.10 4.78
N GLY A 170 -19.01 7.99 4.09
CA GLY A 170 -17.56 7.99 4.11
C GLY A 170 -16.88 7.14 3.05
N VAL A 171 -17.63 6.57 2.12
CA VAL A 171 -17.05 5.83 1.03
C VAL A 171 -16.99 6.75 -0.18
N HIS A 172 -16.39 6.26 -1.26
CA HIS A 172 -15.94 7.11 -2.33
C HIS A 172 -16.51 6.67 -3.67
N ALA A 173 -16.67 7.63 -4.56
CA ALA A 173 -17.26 7.37 -5.86
C ALA A 173 -16.53 8.16 -6.93
N GLY A 174 -16.48 7.57 -8.12
CA GLY A 174 -15.74 8.16 -9.21
C GLY A 174 -16.16 7.53 -10.53
N THR A 175 -15.37 7.82 -11.55
CA THR A 175 -15.69 7.44 -12.93
C THR A 175 -14.55 6.64 -13.54
N ASP A 176 -14.83 6.05 -14.70
CA ASP A 176 -13.74 5.64 -15.56
C ASP A 176 -13.11 6.88 -16.20
N LEU A 177 -12.12 6.67 -17.05
CA LEU A 177 -11.37 7.78 -17.62
C LEU A 177 -12.08 8.41 -18.82
N GLU A 178 -13.25 7.87 -19.21
CA GLU A 178 -14.17 8.53 -20.13
C GLU A 178 -15.26 9.28 -19.39
N GLY A 179 -15.17 9.39 -18.06
CA GLY A 179 -16.12 10.15 -17.29
C GLY A 179 -17.43 9.47 -16.97
N ASN A 180 -17.53 8.15 -17.14
CA ASN A 180 -18.75 7.41 -16.82
C ASN A 180 -18.68 6.96 -15.35
N PHE A 181 -19.67 7.33 -14.56
CA PHE A 181 -19.61 6.94 -13.15
C PHE A 181 -19.64 5.43 -13.04
N TYR A 182 -18.91 4.94 -12.06
CA TYR A 182 -19.14 3.63 -11.49
C TYR A 182 -20.29 3.75 -10.51
N GLY A 183 -21.40 3.06 -10.75
CA GLY A 183 -22.50 3.10 -9.83
C GLY A 183 -23.49 4.20 -10.14
N PRO A 184 -24.64 4.14 -9.48
CA PRO A 184 -25.78 5.02 -9.78
C PRO A 184 -25.66 6.37 -9.06
N PHE A 185 -24.58 7.09 -9.34
CA PHE A 185 -24.28 8.34 -8.66
C PHE A 185 -24.13 9.44 -9.71
N VAL A 186 -24.31 10.70 -9.26
CA VAL A 186 -24.10 11.87 -10.10
C VAL A 186 -23.20 12.87 -9.36
N ASP A 187 -22.47 13.70 -10.12
CA ASP A 187 -21.50 14.62 -9.51
C ASP A 187 -22.18 15.94 -9.13
N ARG A 188 -22.89 15.89 -8.02
CA ARG A 188 -23.45 17.08 -7.39
C ARG A 188 -23.61 16.78 -5.91
N GLN A 189 -23.71 17.83 -5.11
CA GLN A 189 -23.72 17.69 -3.65
C GLN A 189 -25.14 17.55 -3.14
N THR A 190 -25.74 16.41 -3.49
CA THR A 190 -27.09 16.04 -3.10
C THR A 190 -27.03 14.82 -2.19
N ALA A 191 -28.16 14.50 -1.58
CA ALA A 191 -28.29 13.28 -0.80
C ALA A 191 -28.27 12.08 -1.74
N GLN A 192 -27.23 11.25 -1.64
CA GLN A 192 -27.10 10.06 -2.45
C GLN A 192 -26.65 8.91 -1.56
N ALA A 193 -27.06 7.70 -1.92
CA ALA A 193 -26.69 6.52 -1.16
C ALA A 193 -26.37 5.36 -2.09
N ALA A 194 -25.34 4.59 -1.76
CA ALA A 194 -25.06 3.40 -2.53
C ALA A 194 -26.05 2.30 -2.21
N GLY A 195 -26.17 1.34 -3.13
CA GLY A 195 -26.91 0.13 -2.84
C GLY A 195 -26.27 -0.67 -1.72
N THR A 196 -27.04 -1.59 -1.16
CA THR A 196 -26.50 -2.42 -0.08
C THR A 196 -25.32 -3.24 -0.58
N ASP A 197 -24.22 -3.18 0.16
CA ASP A 197 -23.04 -3.86 -0.31
C ASP A 197 -23.09 -5.34 0.07
N THR A 198 -22.22 -6.11 -0.56
CA THR A 198 -22.07 -7.53 -0.30
C THR A 198 -20.59 -7.86 -0.22
N THR A 199 -20.28 -9.09 0.19
CA THR A 199 -18.90 -9.53 0.31
C THR A 199 -18.50 -10.29 -0.95
N ILE A 200 -17.29 -10.03 -1.45
CA ILE A 200 -16.81 -10.60 -2.72
C ILE A 200 -16.26 -12.00 -2.43
N THR A 201 -17.11 -13.01 -2.65
CA THR A 201 -16.86 -14.39 -2.25
C THR A 201 -15.60 -14.96 -2.90
N VAL A 202 -15.47 -14.83 -4.22
CA VAL A 202 -14.29 -15.37 -4.89
C VAL A 202 -13.02 -14.77 -4.31
N ASN A 203 -13.04 -13.49 -3.93
CA ASN A 203 -11.85 -12.90 -3.32
C ASN A 203 -11.59 -13.50 -1.93
N VAL A 204 -12.63 -13.75 -1.14
CA VAL A 204 -12.40 -14.38 0.16
C VAL A 204 -11.74 -15.75 -0.05
N LEU A 205 -12.22 -16.52 -1.02
CA LEU A 205 -11.60 -17.83 -1.26
C LEU A 205 -10.15 -17.68 -1.72
N ALA A 206 -9.88 -16.70 -2.59
CA ALA A 206 -8.52 -16.48 -3.05
C ALA A 206 -7.59 -16.20 -1.88
N TRP A 207 -8.07 -15.42 -0.89
CA TRP A 207 -7.26 -15.06 0.27
C TRP A 207 -7.10 -16.24 1.22
N LEU A 208 -8.11 -17.12 1.32
CA LEU A 208 -7.92 -18.35 2.09
C LEU A 208 -6.84 -19.22 1.45
N TYR A 209 -6.78 -19.25 0.12
CA TYR A 209 -5.70 -19.95 -0.56
C TYR A 209 -4.35 -19.31 -0.27
N ALA A 210 -4.30 -17.97 -0.29
CA ALA A 210 -3.07 -17.29 0.11
C ALA A 210 -2.66 -17.72 1.51
N ALA A 211 -3.62 -17.80 2.42
CA ALA A 211 -3.28 -18.21 3.78
C ALA A 211 -2.66 -19.60 3.80
N VAL A 212 -3.22 -20.53 3.03
CA VAL A 212 -2.68 -21.89 2.97
C VAL A 212 -1.27 -21.87 2.40
N ILE A 213 -1.07 -21.16 1.29
CA ILE A 213 0.26 -21.08 0.68
C ILE A 213 1.27 -20.56 1.70
N ASN A 214 0.83 -19.68 2.60
CA ASN A 214 1.67 -19.10 3.64
C ASN A 214 1.67 -19.88 4.95
N GLY A 215 1.03 -21.05 5.00
CA GLY A 215 1.12 -21.94 6.14
C GLY A 215 0.02 -21.82 7.18
N ASP A 216 -0.96 -20.94 6.99
CA ASP A 216 -2.14 -20.93 7.85
C ASP A 216 -3.07 -22.03 7.32
N ARG A 217 -3.26 -23.09 8.10
CA ARG A 217 -4.11 -24.22 7.69
C ARG A 217 -5.22 -24.54 8.68
N TRP A 218 -5.34 -23.80 9.78
CA TRP A 218 -6.19 -24.22 10.88
C TRP A 218 -7.67 -24.27 10.53
N PHE A 219 -8.09 -23.54 9.50
CA PHE A 219 -9.48 -23.48 9.09
C PHE A 219 -9.86 -24.59 8.10
N LEU A 220 -8.90 -25.37 7.62
CA LEU A 220 -9.20 -26.44 6.69
C LEU A 220 -10.00 -27.55 7.38
N ASN A 221 -10.78 -28.28 6.60
CA ASN A 221 -11.50 -29.41 7.15
C ASN A 221 -11.67 -30.48 6.07
N ARG A 222 -12.20 -31.63 6.50
CA ARG A 222 -12.32 -32.79 5.64
C ARG A 222 -13.52 -32.73 4.69
N PHE A 223 -14.40 -31.75 4.84
CA PHE A 223 -15.66 -31.72 4.12
C PHE A 223 -15.50 -31.07 2.74
N THR A 224 -16.42 -31.44 1.85
CA THR A 224 -16.57 -30.77 0.57
C THR A 224 -18.05 -30.51 0.38
N THR A 225 -18.40 -29.37 -0.20
CA THR A 225 -19.79 -29.01 -0.42
C THR A 225 -20.06 -28.94 -1.91
N THR A 226 -21.33 -28.72 -2.24
CA THR A 226 -21.72 -28.47 -3.62
C THR A 226 -21.83 -26.98 -3.88
N LEU A 227 -21.69 -26.60 -5.15
CA LEU A 227 -21.80 -25.19 -5.52
C LEU A 227 -23.13 -24.61 -5.06
N ASN A 228 -24.22 -25.41 -5.10
CA ASN A 228 -25.54 -24.90 -4.71
C ASN A 228 -25.70 -24.88 -3.20
N ASP A 229 -25.23 -25.91 -2.51
CA ASP A 229 -25.34 -25.90 -1.06
C ASP A 229 -24.52 -24.76 -0.46
N PHE A 230 -23.40 -24.40 -1.10
CA PHE A 230 -22.60 -23.29 -0.60
C PHE A 230 -23.33 -21.97 -0.81
N ASN A 231 -23.86 -21.76 -2.02
CA ASN A 231 -24.49 -20.50 -2.36
C ASN A 231 -25.69 -20.19 -1.46
N LEU A 232 -26.34 -21.23 -0.92
CA LEU A 232 -27.39 -20.99 0.06
C LEU A 232 -26.83 -20.35 1.33
N VAL A 233 -25.68 -20.83 1.80
CA VAL A 233 -25.02 -20.19 2.94
C VAL A 233 -24.55 -18.80 2.55
N ALA A 234 -24.02 -18.66 1.32
CA ALA A 234 -23.52 -17.36 0.87
C ALA A 234 -24.62 -16.30 0.92
N MET A 235 -25.79 -16.60 0.37
CA MET A 235 -26.85 -15.62 0.37
C MET A 235 -27.33 -15.31 1.78
N LYS A 236 -27.29 -16.31 2.67
CA LYS A 236 -27.65 -16.06 4.06
C LYS A 236 -26.69 -15.09 4.73
N TYR A 237 -25.39 -15.15 4.38
CA TYR A 237 -24.42 -14.27 5.02
C TYR A 237 -24.04 -13.06 4.16
N ASN A 238 -24.91 -12.68 3.21
CA ASN A 238 -24.70 -11.48 2.39
C ASN A 238 -23.39 -11.54 1.60
N TYR A 239 -23.06 -12.73 1.13
CA TYR A 239 -21.96 -12.96 0.22
C TYR A 239 -22.52 -13.09 -1.20
N GLU A 240 -21.76 -12.63 -2.18
CA GLU A 240 -22.16 -12.82 -3.57
CA GLU A 240 -22.25 -12.83 -3.53
C GLU A 240 -22.13 -14.31 -3.91
N PRO A 241 -23.05 -14.79 -4.75
CA PRO A 241 -22.99 -16.20 -5.14
C PRO A 241 -21.71 -16.50 -5.89
N LEU A 242 -21.25 -17.74 -5.78
CA LEU A 242 -20.05 -18.18 -6.47
C LEU A 242 -20.44 -18.70 -7.85
N THR A 243 -19.80 -18.16 -8.89
CA THR A 243 -20.12 -18.57 -10.25
C THR A 243 -19.17 -19.67 -10.71
N GLN A 244 -19.52 -20.31 -11.82
CA GLN A 244 -18.61 -21.28 -12.40
C GLN A 244 -17.32 -20.61 -12.87
N ASP A 245 -17.43 -19.39 -13.44
CA ASP A 245 -16.20 -18.70 -13.86
C ASP A 245 -15.32 -18.43 -12.65
N HIS A 246 -15.92 -18.07 -11.52
CA HIS A 246 -15.14 -17.91 -10.28
C HIS A 246 -14.42 -19.20 -9.92
N VAL A 247 -15.14 -20.33 -9.95
CA VAL A 247 -14.51 -21.60 -9.66
C VAL A 247 -13.35 -21.85 -10.63
N ASP A 248 -13.55 -21.53 -11.92
CA ASP A 248 -12.49 -21.73 -12.90
C ASP A 248 -11.30 -20.81 -12.65
N ILE A 249 -11.57 -19.54 -12.29
CA ILE A 249 -10.46 -18.61 -12.02
C ILE A 249 -9.62 -19.09 -10.85
N LEU A 250 -10.24 -19.78 -9.88
CA LEU A 250 -9.52 -20.29 -8.71
C LEU A 250 -8.72 -21.54 -9.01
N GLY A 251 -8.70 -22.00 -10.26
CA GLY A 251 -8.04 -23.22 -10.64
C GLY A 251 -6.55 -23.29 -10.33
N PRO A 252 -5.79 -22.31 -10.78
CA PRO A 252 -4.35 -22.30 -10.45
C PRO A 252 -4.07 -22.40 -8.96
N LEU A 253 -4.84 -21.71 -8.10
CA LEU A 253 -4.59 -21.78 -6.66
C LEU A 253 -5.04 -23.12 -6.08
N SER A 254 -6.19 -23.63 -6.53
CA SER A 254 -6.60 -24.96 -6.13
C SER A 254 -5.53 -26.01 -6.48
N ALA A 255 -5.01 -25.94 -7.71
CA ALA A 255 -4.01 -26.92 -8.13
C ALA A 255 -2.69 -26.74 -7.37
N GLN A 256 -2.27 -25.49 -7.13
CA GLN A 256 -1.05 -25.26 -6.37
C GLN A 256 -1.12 -25.85 -4.97
N THR A 257 -2.25 -25.64 -4.28
CA THR A 257 -2.42 -26.10 -2.91
C THR A 257 -2.98 -27.52 -2.81
N GLY A 258 -3.46 -28.08 -3.91
CA GLY A 258 -4.13 -29.37 -3.86
C GLY A 258 -5.42 -29.38 -3.07
N ILE A 259 -6.04 -28.22 -2.86
CA ILE A 259 -7.32 -28.13 -2.16
C ILE A 259 -8.37 -27.71 -3.19
N ALA A 260 -9.34 -28.59 -3.44
CA ALA A 260 -10.37 -28.29 -4.44
C ALA A 260 -11.18 -27.06 -4.01
N VAL A 261 -11.68 -26.31 -5.00
CA VAL A 261 -12.44 -25.10 -4.70
C VAL A 261 -13.59 -25.40 -3.75
N LEU A 262 -14.37 -26.45 -4.03
CA LEU A 262 -15.51 -26.78 -3.18
C LEU A 262 -15.08 -27.35 -1.83
N ASP A 263 -13.87 -27.91 -1.76
CA ASP A 263 -13.29 -28.24 -0.47
C ASP A 263 -13.06 -26.97 0.34
N MET A 264 -12.42 -25.97 -0.28
CA MET A 264 -12.29 -24.68 0.39
C MET A 264 -13.61 -24.02 0.72
N CYS A 265 -14.64 -24.16 -0.13
CA CYS A 265 -15.93 -23.57 0.21
C CYS A 265 -16.48 -24.10 1.52
N ALA A 266 -16.22 -25.38 1.84
CA ALA A 266 -16.64 -25.93 3.13
C ALA A 266 -15.90 -25.29 4.29
N SER A 267 -14.65 -24.86 4.10
CA SER A 267 -13.97 -24.07 5.11
C SER A 267 -14.66 -22.73 5.29
N LEU A 268 -14.94 -22.05 4.18
CA LEU A 268 -15.61 -20.77 4.26
C LEU A 268 -16.96 -20.90 4.97
N LYS A 269 -17.72 -21.96 4.64
CA LYS A 269 -19.01 -22.14 5.29
C LYS A 269 -18.84 -22.27 6.81
N GLU A 270 -17.90 -23.11 7.25
CA GLU A 270 -17.62 -23.24 8.68
C GLU A 270 -17.26 -21.90 9.31
N LEU A 271 -16.42 -21.10 8.63
CA LEU A 271 -16.02 -19.81 9.21
C LEU A 271 -17.20 -18.85 9.31
N LEU A 272 -18.10 -18.88 8.34
CA LEU A 272 -19.26 -18.00 8.39
C LEU A 272 -20.23 -18.43 9.49
N GLN A 273 -20.39 -19.74 9.68
CA GLN A 273 -21.31 -20.22 10.71
C GLN A 273 -20.73 -20.11 12.12
N ASN A 274 -19.43 -20.35 12.30
CA ASN A 274 -18.86 -20.41 13.63
C ASN A 274 -17.86 -19.33 13.96
N GLY A 275 -17.40 -18.55 12.99
CA GLY A 275 -16.40 -17.55 13.29
C GLY A 275 -15.02 -18.16 13.42
N MET A 276 -14.10 -17.40 14.03
CA MET A 276 -12.70 -17.79 14.05
C MET A 276 -12.26 -18.38 15.39
N ASN A 277 -13.09 -18.31 16.42
CA ASN A 277 -12.76 -18.86 17.74
C ASN A 277 -11.47 -18.25 18.27
N GLY A 278 -11.36 -16.93 18.16
CA GLY A 278 -10.23 -16.17 18.66
C GLY A 278 -8.97 -16.25 17.82
N ARG A 279 -9.01 -16.94 16.68
CA ARG A 279 -7.83 -17.12 15.85
C ARG A 279 -7.81 -16.08 14.73
N THR A 280 -6.67 -16.00 14.03
CA THR A 280 -6.51 -15.05 12.93
C THR A 280 -6.06 -15.79 11.68
N ILE A 281 -6.32 -15.18 10.53
CA ILE A 281 -5.85 -15.68 9.24
C ILE A 281 -5.05 -14.56 8.59
N LEU A 282 -3.78 -14.85 8.27
CA LEU A 282 -2.90 -13.85 7.67
C LEU A 282 -2.94 -12.53 8.45
N GLY A 283 -2.95 -12.63 9.77
CA GLY A 283 -2.97 -11.44 10.61
C GLY A 283 -4.31 -10.74 10.75
N SER A 284 -5.40 -11.33 10.26
CA SER A 284 -6.69 -10.66 10.29
C SER A 284 -7.67 -11.49 11.10
N ALA A 285 -8.53 -10.82 11.85
CA ALA A 285 -9.62 -11.48 12.57
C ALA A 285 -10.94 -11.39 11.82
N LEU A 286 -10.92 -10.82 10.63
CA LEU A 286 -12.08 -10.74 9.74
C LEU A 286 -11.73 -11.41 8.42
N LEU A 287 -12.77 -11.87 7.72
CA LEU A 287 -12.56 -12.47 6.41
C LEU A 287 -12.31 -11.34 5.40
N GLU A 288 -11.19 -11.44 4.69
CA GLU A 288 -10.71 -10.39 3.79
C GLU A 288 -11.19 -10.63 2.37
N ASP A 289 -11.82 -9.62 1.75
CA ASP A 289 -12.32 -9.78 0.38
C ASP A 289 -11.75 -8.80 -0.64
N GLU A 290 -10.65 -8.10 -0.36
CA GLU A 290 -10.12 -7.16 -1.35
C GLU A 290 -8.84 -7.66 -2.03
N PHE A 291 -8.65 -8.99 -2.09
CA PHE A 291 -7.59 -9.62 -2.89
C PHE A 291 -8.26 -10.49 -3.95
N THR A 292 -7.96 -10.22 -5.22
CA THR A 292 -8.46 -11.10 -6.27
C THR A 292 -7.57 -12.34 -6.39
N PRO A 293 -8.06 -13.40 -7.03
CA PRO A 293 -7.17 -14.50 -7.41
C PRO A 293 -5.88 -14.05 -8.09
N PHE A 294 -5.96 -13.11 -9.05
CA PHE A 294 -4.75 -12.60 -9.68
C PHE A 294 -3.82 -11.95 -8.65
N ASP A 295 -4.37 -11.18 -7.71
CA ASP A 295 -3.54 -10.57 -6.67
C ASP A 295 -2.78 -11.62 -5.87
N VAL A 296 -3.43 -12.75 -5.57
CA VAL A 296 -2.78 -13.78 -4.78
C VAL A 296 -1.65 -14.42 -5.58
N VAL A 297 -1.91 -14.75 -6.84
CA VAL A 297 -0.89 -15.38 -7.68
C VAL A 297 0.29 -14.42 -7.88
N ARG A 298 0.00 -13.14 -8.11
CA ARG A 298 1.07 -12.16 -8.34
C ARG A 298 1.98 -12.05 -7.13
N GLN A 299 1.40 -12.12 -5.94
CA GLN A 299 2.19 -11.90 -4.75
C GLN A 299 2.80 -13.18 -4.18
N CYS A 300 2.04 -14.28 -4.16
CA CYS A 300 2.55 -15.52 -3.57
C CYS A 300 3.51 -16.26 -4.50
N SER A 301 3.63 -15.82 -5.75
CA SER A 301 4.48 -16.46 -6.75
C SER A 301 5.04 -15.38 -7.67
N GLY A 302 6.28 -15.60 -8.13
CA GLY A 302 6.88 -14.72 -9.13
C GLY A 302 6.91 -13.28 -8.68
N VAL A 303 6.44 -12.40 -9.56
CA VAL A 303 6.48 -10.97 -9.28
C VAL A 303 5.31 -10.27 -9.97
N SER B 1 -12.43 11.63 4.02
CA SER B 1 -12.24 10.68 5.11
CA SER B 1 -12.44 10.61 5.06
C SER B 1 -11.79 9.32 4.59
N GLY B 2 -11.65 8.37 5.50
CA GLY B 2 -11.05 7.10 5.17
C GLY B 2 -9.66 6.97 5.78
N PHE B 3 -9.20 5.72 5.92
CA PHE B 3 -7.88 5.48 6.49
C PHE B 3 -7.35 4.16 5.97
N ARG B 4 -6.20 4.23 5.28
CA ARG B 4 -5.63 3.06 4.63
C ARG B 4 -4.14 2.96 4.96
N LYS B 5 -3.61 1.74 4.87
CA LYS B 5 -2.16 1.59 4.90
C LYS B 5 -1.63 2.23 3.64
N MET B 6 -0.90 3.32 3.77
CA MET B 6 -0.52 4.12 2.61
C MET B 6 0.99 4.30 2.52
N ALA B 7 1.56 3.89 1.39
CA ALA B 7 2.98 3.99 1.13
C ALA B 7 3.30 5.33 0.48
N PHE B 8 4.57 5.69 0.53
CA PHE B 8 5.02 6.86 -0.21
C PHE B 8 5.07 6.53 -1.69
N PRO B 9 4.85 7.53 -2.56
CA PRO B 9 5.02 7.30 -4.00
C PRO B 9 6.42 6.79 -4.27
N SER B 10 6.52 5.74 -5.11
CA SER B 10 7.76 5.00 -5.21
C SER B 10 8.66 5.41 -6.38
N GLY B 11 8.23 6.38 -7.21
CA GLY B 11 8.96 6.67 -8.45
C GLY B 11 10.43 6.96 -8.24
N LYS B 12 10.77 7.78 -7.23
CA LYS B 12 12.18 8.13 -7.01
C LYS B 12 13.02 6.90 -6.69
N VAL B 13 12.43 5.87 -6.06
CA VAL B 13 13.21 4.68 -5.76
C VAL B 13 13.26 3.73 -6.95
N GLU B 14 12.15 3.60 -7.70
CA GLU B 14 12.15 2.73 -8.89
C GLU B 14 13.34 3.02 -9.80
N GLY B 15 13.67 4.30 -10.00
CA GLY B 15 14.80 4.67 -10.85
C GLY B 15 16.16 4.20 -10.33
N CYS B 16 16.24 3.73 -9.08
CA CYS B 16 17.52 3.30 -8.51
C CYS B 16 17.68 1.79 -8.46
N MET B 17 16.68 1.03 -8.86
CA MET B 17 16.74 -0.41 -8.68
C MET B 17 17.47 -1.06 -9.87
N VAL B 18 18.45 -1.93 -9.57
CA VAL B 18 19.18 -2.69 -10.58
C VAL B 18 19.25 -4.15 -10.17
N GLN B 19 19.69 -4.99 -11.11
CA GLN B 19 19.92 -6.40 -10.83
C GLN B 19 21.42 -6.66 -10.67
N VAL B 20 21.78 -7.51 -9.70
CA VAL B 20 23.16 -7.87 -9.44
C VAL B 20 23.25 -9.39 -9.45
N THR B 21 24.16 -9.93 -10.27
CA THR B 21 24.28 -11.38 -10.39
C THR B 21 25.74 -11.78 -10.20
N CYS B 22 25.96 -12.78 -9.34
CA CYS B 22 27.27 -13.39 -9.17
CA CYS B 22 27.27 -13.41 -9.15
C CYS B 22 27.11 -14.90 -9.37
N GLY B 23 27.70 -15.41 -10.43
CA GLY B 23 27.53 -16.82 -10.71
C GLY B 23 26.09 -17.09 -11.05
N THR B 24 25.45 -17.97 -10.29
CA THR B 24 24.03 -18.27 -10.46
C THR B 24 23.17 -17.64 -9.37
N THR B 25 23.75 -16.78 -8.52
CA THR B 25 23.02 -16.09 -7.47
C THR B 25 22.69 -14.68 -7.93
N THR B 26 21.45 -14.26 -7.73
CA THR B 26 21.01 -12.97 -8.21
C THR B 26 20.10 -12.34 -7.18
N LEU B 27 20.10 -11.00 -7.14
CA LEU B 27 19.22 -10.25 -6.26
C LEU B 27 19.23 -8.82 -6.73
N ASN B 28 18.66 -7.91 -5.92
CA ASN B 28 18.53 -6.52 -6.31
C ASN B 28 19.64 -5.65 -5.72
N GLY B 29 19.96 -4.57 -6.44
CA GLY B 29 20.87 -3.57 -5.93
C GLY B 29 20.24 -2.19 -6.00
N LEU B 30 20.81 -1.28 -5.22
CA LEU B 30 20.37 0.12 -5.16
C LEU B 30 21.48 0.97 -5.80
N TRP B 31 21.15 1.63 -6.91
CA TRP B 31 22.14 2.36 -7.70
C TRP B 31 22.00 3.86 -7.43
N LEU B 32 22.97 4.42 -6.69
CA LEU B 32 22.98 5.84 -6.36
C LEU B 32 24.33 6.42 -6.75
N ASP B 33 24.32 7.49 -7.56
CA ASP B 33 25.56 8.05 -8.14
C ASP B 33 26.29 6.88 -8.80
N ASP B 34 27.60 6.68 -8.56
CA ASP B 34 28.31 5.60 -9.22
C ASP B 34 28.56 4.39 -8.33
N VAL B 35 27.69 4.11 -7.35
CA VAL B 35 27.82 2.93 -6.49
C VAL B 35 26.51 2.14 -6.53
N VAL B 36 26.62 0.82 -6.65
CA VAL B 36 25.50 -0.09 -6.47
C VAL B 36 25.67 -0.77 -5.11
N TYR B 37 24.65 -0.65 -4.24
CA TYR B 37 24.63 -1.27 -2.91
C TYR B 37 23.74 -2.51 -2.96
N CYS B 38 24.20 -3.62 -2.39
CA CYS B 38 23.39 -4.85 -2.42
C CYS B 38 23.79 -5.75 -1.25
N PRO B 39 22.93 -6.71 -0.89
CA PRO B 39 23.30 -7.65 0.18
C PRO B 39 24.53 -8.47 -0.23
N ARG B 40 25.43 -8.68 0.73
CA ARG B 40 26.69 -9.35 0.42
C ARG B 40 26.50 -10.83 0.10
N HIS B 41 25.38 -11.46 0.54
CA HIS B 41 25.33 -12.89 0.21
C HIS B 41 25.08 -13.14 -1.28
N VAL B 42 25.06 -12.13 -2.15
CA VAL B 42 25.07 -12.40 -3.59
C VAL B 42 26.34 -13.15 -3.99
N ILE B 43 27.41 -13.05 -3.20
CA ILE B 43 28.65 -13.75 -3.53
C ILE B 43 28.67 -15.19 -3.04
N CYS B 44 27.59 -15.65 -2.37
CA CYS B 44 27.49 -17.03 -1.93
C CYS B 44 26.90 -17.93 -3.01
N THR B 45 27.43 -19.15 -3.11
CA THR B 45 26.65 -20.25 -3.65
C THR B 45 25.73 -20.79 -2.57
N SER B 46 24.79 -21.65 -2.98
CA SER B 46 23.95 -22.35 -2.02
C SER B 46 24.80 -23.09 -0.99
N GLU B 47 25.91 -23.68 -1.42
CA GLU B 47 26.77 -24.39 -0.49
C GLU B 47 27.39 -23.46 0.54
N ASP B 48 27.54 -22.17 0.21
CA ASP B 48 28.23 -21.23 1.09
C ASP B 48 27.36 -20.67 2.21
N MET B 49 26.03 -20.77 2.10
CA MET B 49 25.21 -19.94 2.99
C MET B 49 24.99 -20.53 4.38
N LEU B 50 25.45 -21.75 4.67
CA LEU B 50 25.32 -22.27 6.03
C LEU B 50 26.35 -21.64 6.96
N ASN B 51 27.60 -21.53 6.51
CA ASN B 51 28.70 -21.05 7.36
C ASN B 51 29.70 -20.29 6.48
N PRO B 52 29.27 -19.17 5.90
CA PRO B 52 30.20 -18.42 5.02
C PRO B 52 31.19 -17.60 5.82
N ASN B 53 32.42 -17.47 5.29
CA ASN B 53 33.29 -16.40 5.79
C ASN B 53 33.32 -15.39 4.65
N TYR B 54 32.59 -14.29 4.84
CA TYR B 54 32.39 -13.37 3.73
C TYR B 54 33.68 -12.68 3.33
N GLU B 55 34.59 -12.44 4.27
CA GLU B 55 35.88 -11.86 3.91
C GLU B 55 36.61 -12.72 2.89
N ASP B 56 36.71 -14.03 3.17
CA ASP B 56 37.30 -14.98 2.22
C ASP B 56 36.54 -14.96 0.89
N LEU B 57 35.20 -15.07 0.97
CA LEU B 57 34.42 -15.18 -0.25
C LEU B 57 34.65 -13.98 -1.16
N LEU B 58 34.79 -12.77 -0.59
CA LEU B 58 34.99 -11.58 -1.41
C LEU B 58 36.41 -11.49 -1.98
N ILE B 59 37.42 -11.94 -1.24
CA ILE B 59 38.79 -11.97 -1.75
C ILE B 59 38.86 -12.86 -2.99
N ARG B 60 38.07 -13.93 -3.03
CA ARG B 60 38.02 -14.85 -4.16
C ARG B 60 37.25 -14.29 -5.36
N LYS B 61 36.70 -13.07 -5.27
CA LYS B 61 35.97 -12.45 -6.36
C LYS B 61 36.76 -11.30 -6.97
N SER B 62 36.40 -10.97 -8.22
CA SER B 62 36.94 -9.85 -8.96
C SER B 62 35.78 -9.04 -9.53
N ASN B 63 36.11 -7.82 -9.98
CA ASN B 63 35.10 -6.94 -10.59
C ASN B 63 34.26 -7.67 -11.63
N HIS B 64 34.91 -8.45 -12.52
CA HIS B 64 34.19 -9.07 -13.62
C HIS B 64 33.21 -10.16 -13.17
N ASN B 65 33.32 -10.63 -11.92
CA ASN B 65 32.37 -11.62 -11.40
C ASN B 65 31.01 -11.00 -11.07
N PHE B 66 30.88 -9.68 -11.14
CA PHE B 66 29.63 -8.99 -10.81
C PHE B 66 29.00 -8.45 -12.09
N LEU B 67 27.86 -9.03 -12.46
CA LEU B 67 27.07 -8.58 -13.60
C LEU B 67 25.96 -7.68 -13.06
N VAL B 68 26.01 -6.40 -13.40
CA VAL B 68 25.06 -5.41 -12.91
C VAL B 68 24.27 -4.87 -14.11
N GLN B 69 22.95 -4.94 -14.01
CA GLN B 69 22.05 -4.61 -15.11
C GLN B 69 21.01 -3.60 -14.66
N ALA B 70 20.97 -2.46 -15.33
CA ALA B 70 19.94 -1.44 -15.14
C ALA B 70 19.01 -1.52 -16.35
N GLY B 71 17.87 -2.16 -16.18
CA GLY B 71 17.03 -2.44 -17.34
C GLY B 71 17.77 -3.37 -18.27
N ASN B 72 17.91 -2.94 -19.53
CA ASN B 72 18.68 -3.69 -20.52
C ASN B 72 20.16 -3.32 -20.54
N VAL B 73 20.56 -2.27 -19.83
CA VAL B 73 21.93 -1.75 -19.90
C VAL B 73 22.80 -2.43 -18.86
N GLN B 74 23.87 -3.08 -19.31
CA GLN B 74 24.86 -3.62 -18.40
C GLN B 74 25.76 -2.49 -17.91
N LEU B 75 25.95 -2.41 -16.58
CA LEU B 75 26.87 -1.45 -15.98
C LEU B 75 28.19 -2.13 -15.67
N ARG B 76 29.30 -1.46 -15.99
CA ARG B 76 30.61 -2.05 -15.75
C ARG B 76 31.05 -1.78 -14.32
N VAL B 77 31.40 -2.85 -13.60
CA VAL B 77 31.90 -2.76 -12.23
C VAL B 77 33.40 -2.50 -12.27
N ILE B 78 33.82 -1.38 -11.71
CA ILE B 78 35.23 -0.95 -11.69
C ILE B 78 35.84 -1.04 -10.29
N GLY B 79 35.09 -1.50 -9.31
CA GLY B 79 35.61 -1.65 -7.96
C GLY B 79 34.59 -2.37 -7.10
N HIS B 80 35.08 -3.00 -6.04
CA HIS B 80 34.19 -3.70 -5.14
C HIS B 80 34.74 -3.69 -3.73
N SER B 81 33.85 -3.53 -2.75
CA SER B 81 34.25 -3.60 -1.36
C SER B 81 33.06 -3.99 -0.50
N MET B 82 33.37 -4.37 0.73
CA MET B 82 32.41 -4.84 1.71
C MET B 82 32.23 -3.79 2.79
N GLN B 83 31.01 -3.53 3.19
CA GLN B 83 30.79 -2.74 4.39
C GLN B 83 29.75 -3.48 5.19
N ASN B 84 30.19 -4.08 6.32
CA ASN B 84 29.32 -4.94 7.12
C ASN B 84 28.62 -5.95 6.21
N CYS B 85 27.28 -6.01 6.21
CA CYS B 85 26.58 -7.03 5.43
C CYS B 85 26.16 -6.54 4.04
N VAL B 86 26.72 -5.43 3.58
CA VAL B 86 26.41 -4.87 2.28
C VAL B 86 27.67 -4.83 1.42
N LEU B 87 27.50 -5.13 0.15
CA LEU B 87 28.52 -4.89 -0.85
C LEU B 87 28.34 -3.53 -1.50
N LYS B 88 29.44 -2.84 -1.75
CA LYS B 88 29.46 -1.61 -2.53
C LYS B 88 30.21 -1.88 -3.85
N LEU B 89 29.49 -1.88 -4.96
CA LEU B 89 30.07 -2.06 -6.29
C LEU B 89 30.19 -0.70 -6.97
N LYS B 90 31.42 -0.23 -7.15
CA LYS B 90 31.64 0.99 -7.93
C LYS B 90 31.47 0.68 -9.41
N VAL B 91 30.69 1.51 -10.10
CA VAL B 91 30.42 1.33 -11.52
C VAL B 91 30.93 2.57 -12.28
N ASP B 92 31.07 2.41 -13.59
CA ASP B 92 31.63 3.48 -14.41
C ASP B 92 30.62 4.55 -14.80
N THR B 93 29.34 4.39 -14.46
CA THR B 93 28.27 5.33 -14.81
C THR B 93 27.54 5.76 -13.54
N ALA B 94 27.43 7.07 -13.33
CA ALA B 94 26.61 7.58 -12.25
C ALA B 94 25.15 7.50 -12.65
N ASN B 95 24.27 7.17 -11.69
CA ASN B 95 22.86 7.04 -12.02
C ASN B 95 22.26 8.41 -12.30
N PRO B 96 21.81 8.70 -13.52
CA PRO B 96 21.20 10.01 -13.81
C PRO B 96 19.91 10.25 -13.05
N LYS B 97 19.25 9.21 -12.58
CA LYS B 97 18.02 9.30 -11.80
C LYS B 97 18.26 9.33 -10.30
N THR B 98 19.50 9.54 -9.85
CA THR B 98 19.77 9.57 -8.42
C THR B 98 18.97 10.67 -7.74
N PRO B 99 18.08 10.37 -6.81
CA PRO B 99 17.38 11.43 -6.10
C PRO B 99 18.27 12.02 -5.02
N LYS B 100 17.84 13.14 -4.46
CA LYS B 100 18.39 13.57 -3.19
C LYS B 100 18.07 12.49 -2.16
N TYR B 101 19.07 12.06 -1.39
CA TYR B 101 18.84 10.91 -0.52
C TYR B 101 19.69 10.99 0.74
N LYS B 102 19.31 10.16 1.71
CA LYS B 102 20.04 9.98 2.95
C LYS B 102 19.99 8.50 3.31
N PHE B 103 20.99 8.04 4.04
CA PHE B 103 20.98 6.72 4.66
C PHE B 103 20.75 6.94 6.15
N VAL B 104 19.56 6.59 6.62
CA VAL B 104 19.20 6.81 8.01
C VAL B 104 18.81 5.46 8.60
N ARG B 105 19.08 5.27 9.87
CA ARG B 105 18.62 4.08 10.55
C ARG B 105 17.36 4.43 11.33
N ILE B 106 16.35 3.57 11.30
CA ILE B 106 15.11 3.91 11.97
C ILE B 106 15.04 3.22 13.33
N GLN B 107 14.12 3.71 14.14
CA GLN B 107 13.78 3.21 15.46
C GLN B 107 12.67 2.17 15.38
N PRO B 108 12.74 1.16 16.23
CA PRO B 108 11.60 0.24 16.39
C PRO B 108 10.34 1.04 16.68
N GLY B 109 9.26 0.63 16.05
CA GLY B 109 7.99 1.33 16.17
C GLY B 109 7.71 2.31 15.06
N GLN B 110 8.71 2.66 14.26
CA GLN B 110 8.55 3.56 13.13
C GLN B 110 8.22 2.76 11.88
N THR B 111 7.65 3.45 10.90
CA THR B 111 7.20 2.81 9.67
C THR B 111 8.01 3.29 8.48
N PHE B 112 7.86 2.56 7.38
CA PHE B 112 8.53 2.88 6.13
C PHE B 112 7.85 2.13 5.00
N SER B 113 8.10 2.61 3.76
CA SER B 113 7.58 1.96 2.57
C SER B 113 8.60 0.99 2.00
N VAL B 114 8.12 -0.19 1.61
CA VAL B 114 8.98 -1.19 0.97
C VAL B 114 8.64 -1.22 -0.52
N LEU B 115 9.67 -1.10 -1.37
CA LEU B 115 9.49 -1.35 -2.81
C LEU B 115 10.02 -2.76 -3.05
N ALA B 116 9.10 -3.73 -3.13
CA ALA B 116 9.50 -5.11 -3.39
C ALA B 116 9.93 -5.23 -4.86
N CYS B 117 11.09 -5.84 -5.08
CA CYS B 117 11.61 -6.05 -6.42
C CYS B 117 12.19 -7.44 -6.58
N TYR B 118 12.23 -7.86 -7.85
CA TYR B 118 12.77 -9.14 -8.28
C TYR B 118 13.51 -8.88 -9.58
N ASN B 119 14.73 -9.40 -9.69
CA ASN B 119 15.56 -9.25 -10.90
C ASN B 119 15.74 -7.78 -11.28
N GLY B 120 15.85 -6.92 -10.27
CA GLY B 120 16.02 -5.52 -10.50
C GLY B 120 14.78 -4.77 -10.95
N SER B 121 13.61 -5.42 -10.98
CA SER B 121 12.38 -4.80 -11.44
C SER B 121 11.38 -4.65 -10.30
N PRO B 122 10.96 -3.43 -9.99
CA PRO B 122 9.97 -3.23 -8.92
C PRO B 122 8.67 -3.97 -9.21
N SER B 123 8.16 -4.68 -8.20
CA SER B 123 6.91 -5.41 -8.33
C SER B 123 5.75 -4.83 -7.53
N GLY B 124 6.00 -4.24 -6.35
CA GLY B 124 4.91 -3.63 -5.63
C GLY B 124 5.41 -2.82 -4.45
N VAL B 125 4.49 -2.09 -3.82
CA VAL B 125 4.85 -1.21 -2.71
C VAL B 125 3.83 -1.39 -1.59
N TYR B 126 4.32 -1.37 -0.35
CA TYR B 126 3.48 -1.55 0.83
C TYR B 126 4.21 -1.00 2.05
N GLN B 127 3.44 -0.68 3.10
CA GLN B 127 3.97 -0.13 4.35
C GLN B 127 4.36 -1.25 5.31
N CYS B 128 5.41 -1.00 6.09
CA CYS B 128 5.89 -1.90 7.14
C CYS B 128 6.22 -1.07 8.37
N ALA B 129 6.05 -1.66 9.54
CA ALA B 129 6.62 -1.12 10.77
C ALA B 129 7.83 -1.96 11.18
N MET B 130 8.88 -1.29 11.64
CA MET B 130 9.95 -1.99 12.36
C MET B 130 9.38 -2.48 13.69
N ARG B 131 9.25 -3.80 13.88
CA ARG B 131 8.70 -4.31 15.13
C ARG B 131 9.64 -4.04 16.31
N PRO B 132 9.10 -3.99 17.53
CA PRO B 132 9.97 -3.85 18.69
C PRO B 132 11.10 -4.88 18.74
N ASN B 133 10.89 -6.10 18.22
CA ASN B 133 11.94 -7.12 18.17
C ASN B 133 12.79 -7.04 16.90
N PHE B 134 12.72 -5.93 16.18
CA PHE B 134 13.58 -5.61 15.03
C PHE B 134 13.35 -6.51 13.82
N THR B 135 12.18 -7.15 13.72
CA THR B 135 11.78 -7.83 12.49
C THR B 135 10.75 -6.95 11.80
N ILE B 136 10.44 -7.29 10.56
CA ILE B 136 9.31 -6.66 9.89
C ILE B 136 8.44 -7.75 9.30
N LYS B 137 7.16 -7.44 9.14
CA LYS B 137 6.18 -8.40 8.63
C LYS B 137 5.89 -7.98 7.20
N GLY B 138 6.73 -8.45 6.27
CA GLY B 138 6.66 -8.05 4.90
C GLY B 138 6.09 -9.13 4.00
N SER B 139 6.33 -8.98 2.70
CA SER B 139 5.91 -9.94 1.70
C SER B 139 7.09 -10.07 0.75
N PHE B 140 7.85 -11.15 0.91
CA PHE B 140 9.16 -11.31 0.29
C PHE B 140 9.35 -12.75 -0.14
N LEU B 141 9.70 -12.96 -1.40
CA LEU B 141 10.04 -14.29 -1.93
C LEU B 141 11.53 -14.35 -2.26
N ASN B 142 12.01 -15.56 -2.58
CA ASN B 142 13.35 -15.68 -3.14
C ASN B 142 13.51 -14.74 -4.32
N GLY B 143 14.62 -14.00 -4.32
CA GLY B 143 14.88 -12.98 -5.31
C GLY B 143 14.63 -11.56 -4.82
N SER B 144 13.96 -11.42 -3.69
CA SER B 144 13.62 -10.09 -3.18
C SER B 144 14.74 -9.44 -2.39
N ALA B 145 15.77 -10.17 -1.99
CA ALA B 145 16.85 -9.53 -1.24
C ALA B 145 17.38 -8.34 -2.01
N GLY B 146 17.71 -7.28 -1.28
CA GLY B 146 18.10 -6.02 -1.89
C GLY B 146 16.97 -5.04 -2.14
N SER B 147 15.72 -5.47 -2.07
CA SER B 147 14.61 -4.52 -2.00
C SER B 147 14.84 -3.59 -0.82
N VAL B 148 14.44 -2.32 -0.96
CA VAL B 148 14.74 -1.34 0.09
C VAL B 148 13.46 -0.76 0.68
N GLY B 149 13.61 -0.29 1.91
CA GLY B 149 12.55 0.45 2.60
C GLY B 149 13.00 1.89 2.77
N PHE B 150 12.03 2.80 2.74
CA PHE B 150 12.35 4.23 2.67
C PHE B 150 11.17 5.05 3.18
N ASN B 151 11.47 6.29 3.54
CA ASN B 151 10.49 7.34 3.74
C ASN B 151 10.89 8.50 2.85
N ILE B 152 9.93 9.36 2.50
CA ILE B 152 10.21 10.54 1.69
C ILE B 152 9.80 11.76 2.48
N ASP B 153 10.65 12.78 2.49
CA ASP B 153 10.37 14.05 3.13
C ASP B 153 10.82 15.15 2.16
N TYR B 154 9.86 15.92 1.64
CA TYR B 154 10.11 16.86 0.52
C TYR B 154 10.64 16.03 -0.65
N ASP B 155 11.76 16.40 -1.26
CA ASP B 155 12.32 15.68 -2.39
C ASP B 155 13.32 14.62 -1.97
N CYS B 156 13.50 14.42 -0.67
CA CYS B 156 14.60 13.63 -0.14
C CYS B 156 14.13 12.23 0.25
N VAL B 157 14.75 11.21 -0.34
CA VAL B 157 14.47 9.83 0.01
C VAL B 157 15.41 9.42 1.13
N SER B 158 14.85 9.05 2.27
CA SER B 158 15.64 8.56 3.41
C SER B 158 15.53 7.03 3.38
N PHE B 159 16.56 6.38 2.85
CA PHE B 159 16.62 4.92 2.84
C PHE B 159 16.95 4.39 4.23
N CYS B 160 16.12 3.48 4.76
CA CYS B 160 16.32 2.95 6.09
C CYS B 160 16.49 1.44 6.16
N TYR B 161 16.19 0.71 5.09
CA TYR B 161 16.14 -0.74 5.19
C TYR B 161 16.59 -1.33 3.86
N MET B 162 17.41 -2.38 3.93
CA MET B 162 17.68 -3.27 2.80
C MET B 162 17.33 -4.68 3.22
N HIS B 163 16.52 -5.36 2.41
CA HIS B 163 16.06 -6.70 2.75
C HIS B 163 17.13 -7.76 2.50
N HIS B 164 17.30 -8.70 3.46
CA HIS B 164 18.22 -9.82 3.31
C HIS B 164 17.57 -11.19 3.38
N MET B 165 16.61 -11.42 4.29
CA MET B 165 16.30 -12.82 4.62
C MET B 165 14.99 -12.98 5.38
N GLU B 166 14.55 -14.23 5.46
CA GLU B 166 13.32 -14.61 6.16
C GLU B 166 13.63 -15.61 7.27
N LEU B 167 13.12 -15.32 8.46
CA LEU B 167 13.26 -16.19 9.62
C LEU B 167 12.28 -17.36 9.51
N PRO B 168 12.54 -18.46 10.21
CA PRO B 168 11.62 -19.61 10.12
C PRO B 168 10.20 -19.29 10.50
N THR B 169 9.96 -18.28 11.33
CA THR B 169 8.59 -17.92 11.68
C THR B 169 7.86 -17.20 10.55
N GLY B 170 8.53 -16.91 9.44
CA GLY B 170 7.90 -16.19 8.34
C GLY B 170 8.01 -14.69 8.40
N VAL B 171 8.72 -14.13 9.38
CA VAL B 171 8.95 -12.69 9.46
C VAL B 171 10.30 -12.40 8.81
N HIS B 172 10.56 -11.12 8.55
CA HIS B 172 11.67 -10.70 7.71
C HIS B 172 12.71 -9.88 8.46
N ALA B 173 13.95 -9.97 7.99
CA ALA B 173 15.08 -9.31 8.64
C ALA B 173 16.00 -8.71 7.60
N GLY B 174 16.64 -7.61 7.98
CA GLY B 174 17.54 -6.94 7.05
C GLY B 174 18.38 -5.92 7.79
N THR B 175 19.00 -5.03 7.02
CA THR B 175 20.00 -4.11 7.54
C THR B 175 19.60 -2.68 7.20
N ASP B 176 20.33 -1.74 7.81
CA ASP B 176 20.30 -0.39 7.26
C ASP B 176 21.19 -0.37 6.03
N LEU B 177 21.34 0.79 5.41
CA LEU B 177 22.08 0.83 4.16
C LEU B 177 23.59 0.89 4.38
N GLU B 178 24.03 0.91 5.64
CA GLU B 178 25.43 0.69 5.97
C GLU B 178 25.71 -0.77 6.24
N GLY B 179 24.73 -1.64 6.05
CA GLY B 179 24.93 -3.06 6.23
C GLY B 179 24.87 -3.56 7.65
N ASN B 180 24.40 -2.74 8.61
CA ASN B 180 24.27 -3.18 9.99
C ASN B 180 22.87 -3.72 10.23
N PHE B 181 22.80 -4.96 10.74
CA PHE B 181 21.49 -5.60 10.92
C PHE B 181 20.64 -4.83 11.93
N TYR B 182 19.33 -4.80 11.65
CA TYR B 182 18.33 -4.55 12.67
C TYR B 182 18.12 -5.85 13.45
N GLY B 183 18.37 -5.83 14.75
CA GLY B 183 18.12 -7.00 15.56
C GLY B 183 19.31 -7.93 15.65
N PRO B 184 19.19 -8.96 16.50
CA PRO B 184 20.32 -9.87 16.78
C PRO B 184 20.43 -11.00 15.75
N PHE B 185 20.55 -10.63 14.48
CA PHE B 185 20.56 -11.62 13.41
C PHE B 185 21.85 -11.52 12.61
N VAL B 186 22.14 -12.59 11.87
CA VAL B 186 23.32 -12.69 11.01
C VAL B 186 22.91 -13.27 9.66
N ASP B 187 23.61 -12.88 8.59
CA ASP B 187 23.22 -13.34 7.25
C ASP B 187 23.85 -14.70 6.94
N ARG B 188 23.26 -15.74 7.53
CA ARG B 188 23.63 -17.11 7.22
C ARG B 188 22.42 -18.00 7.48
N GLN B 189 22.38 -19.15 6.82
CA GLN B 189 21.17 -20.00 6.87
C GLN B 189 21.26 -20.97 8.04
N THR B 190 21.22 -20.37 9.23
CA THR B 190 21.30 -21.08 10.49
C THR B 190 19.98 -20.92 11.22
N ALA B 191 19.80 -21.76 12.23
CA ALA B 191 18.65 -21.59 13.11
C ALA B 191 18.81 -20.27 13.86
N GLN B 192 17.87 -19.36 13.66
CA GLN B 192 17.86 -18.10 14.37
C GLN B 192 16.42 -17.79 14.75
N ALA B 193 16.25 -17.03 15.84
CA ALA B 193 14.92 -16.67 16.29
C ALA B 193 14.93 -15.26 16.86
N ALA B 194 13.87 -14.51 16.58
CA ALA B 194 13.76 -13.19 17.17
C ALA B 194 13.29 -13.29 18.61
N GLY B 195 13.62 -12.28 19.40
CA GLY B 195 13.04 -12.14 20.72
C GLY B 195 11.53 -11.98 20.63
N THR B 196 10.90 -12.08 21.80
CA THR B 196 9.45 -11.94 21.86
C THR B 196 9.07 -10.52 21.47
N ASP B 197 8.06 -10.41 20.63
CA ASP B 197 7.61 -9.11 20.17
C ASP B 197 6.65 -8.50 21.18
N THR B 198 6.42 -7.21 21.01
CA THR B 198 5.43 -6.49 21.80
C THR B 198 4.60 -5.62 20.87
N THR B 199 3.48 -5.14 21.38
CA THR B 199 2.62 -4.26 20.62
C THR B 199 3.01 -2.80 20.85
N ILE B 200 3.00 -2.01 19.78
CA ILE B 200 3.50 -0.63 19.83
C ILE B 200 2.36 0.27 20.36
N THR B 201 2.40 0.54 21.67
CA THR B 201 1.28 1.22 22.34
C THR B 201 0.98 2.59 21.73
N VAL B 202 2.02 3.41 21.52
CA VAL B 202 1.77 4.76 21.02
C VAL B 202 1.12 4.72 19.65
N ASN B 203 1.44 3.71 18.84
CA ASN B 203 0.80 3.60 17.53
C ASN B 203 -0.67 3.18 17.65
N VAL B 204 -0.97 2.26 18.58
CA VAL B 204 -2.37 1.89 18.78
C VAL B 204 -3.18 3.13 19.15
N LEU B 205 -2.66 3.93 20.07
CA LEU B 205 -3.34 5.19 20.43
C LEU B 205 -3.48 6.11 19.23
N ALA B 206 -2.43 6.23 18.41
CA ALA B 206 -2.54 7.07 17.21
C ALA B 206 -3.69 6.63 16.32
N TRP B 207 -3.82 5.33 16.11
CA TRP B 207 -4.87 4.77 15.25
C TRP B 207 -6.26 4.95 15.86
N LEU B 208 -6.37 4.90 17.18
CA LEU B 208 -7.65 5.23 17.81
C LEU B 208 -8.02 6.69 17.56
N TYR B 209 -7.03 7.60 17.60
CA TYR B 209 -7.32 8.98 17.19
C TYR B 209 -7.75 9.05 15.73
N ALA B 210 -7.07 8.32 14.85
CA ALA B 210 -7.51 8.21 13.46
C ALA B 210 -8.97 7.79 13.37
N ALA B 211 -9.36 6.80 14.17
CA ALA B 211 -10.72 6.30 14.14
C ALA B 211 -11.71 7.38 14.57
N VAL B 212 -11.37 8.14 15.61
CA VAL B 212 -12.25 9.22 16.06
C VAL B 212 -12.37 10.29 14.98
N ILE B 213 -11.23 10.69 14.40
CA ILE B 213 -11.26 11.68 13.32
C ILE B 213 -12.17 11.20 12.20
N ASN B 214 -12.24 9.89 11.98
CA ASN B 214 -13.08 9.31 10.92
C ASN B 214 -14.48 8.91 11.40
N GLY B 215 -14.85 9.23 12.64
CA GLY B 215 -16.20 9.03 13.12
C GLY B 215 -16.48 7.73 13.87
N ASP B 216 -15.47 6.91 14.15
CA ASP B 216 -15.65 5.77 15.02
C ASP B 216 -15.41 6.26 16.45
N ARG B 217 -16.48 6.30 17.27
CA ARG B 217 -16.40 6.82 18.64
C ARG B 217 -16.93 5.88 19.70
N TRP B 218 -17.36 4.67 19.33
CA TRP B 218 -18.08 3.82 20.26
C TRP B 218 -17.21 3.37 21.43
N PHE B 219 -15.89 3.32 21.24
CA PHE B 219 -14.97 2.90 22.29
C PHE B 219 -14.63 4.02 23.27
N LEU B 220 -15.08 5.24 23.03
CA LEU B 220 -14.77 6.36 23.91
C LEU B 220 -15.61 6.26 25.19
N ASN B 221 -15.07 6.81 26.27
CA ASN B 221 -15.78 6.77 27.55
C ASN B 221 -15.38 7.99 28.36
N ARG B 222 -16.13 8.23 29.44
CA ARG B 222 -15.89 9.41 30.29
C ARG B 222 -14.75 9.20 31.29
N PHE B 223 -14.26 7.97 31.46
CA PHE B 223 -13.23 7.68 32.44
C PHE B 223 -11.87 8.19 31.99
N THR B 224 -10.95 8.26 32.96
CA THR B 224 -9.57 8.58 32.68
C THR B 224 -8.71 7.67 33.54
N THR B 225 -7.40 7.74 33.32
CA THR B 225 -6.47 6.86 34.00
C THR B 225 -5.16 7.61 34.20
N THR B 226 -4.33 7.06 35.07
CA THR B 226 -2.98 7.57 35.22
C THR B 226 -2.03 6.77 34.34
N LEU B 227 -0.92 7.41 33.98
CA LEU B 227 0.10 6.73 33.18
C LEU B 227 0.54 5.42 33.84
N ASN B 228 0.73 5.43 35.17
CA ASN B 228 1.21 4.23 35.86
C ASN B 228 0.14 3.14 35.88
N ASP B 229 -1.11 3.52 36.12
CA ASP B 229 -2.18 2.51 36.12
C ASP B 229 -2.37 1.93 34.73
N PHE B 230 -2.25 2.76 33.70
CA PHE B 230 -2.37 2.22 32.34
C PHE B 230 -1.24 1.24 32.04
N ASN B 231 -0.01 1.62 32.37
CA ASN B 231 1.14 0.77 32.08
C ASN B 231 1.07 -0.56 32.82
N LEU B 232 0.43 -0.58 33.99
CA LEU B 232 0.16 -1.85 34.67
C LEU B 232 -0.67 -2.78 33.79
N VAL B 233 -1.72 -2.23 33.16
CA VAL B 233 -2.52 -3.02 32.24
C VAL B 233 -1.72 -3.35 30.99
N ALA B 234 -0.96 -2.38 30.48
CA ALA B 234 -0.20 -2.59 29.25
C ALA B 234 0.79 -3.73 29.42
N MET B 235 1.48 -3.79 30.56
CA MET B 235 2.43 -4.86 30.79
C MET B 235 1.76 -6.23 30.80
N LYS B 236 0.53 -6.30 31.31
CA LYS B 236 -0.18 -7.58 31.35
C LYS B 236 -0.57 -8.06 29.95
N TYR B 237 -0.76 -7.15 29.00
CA TYR B 237 -1.20 -7.52 27.66
C TYR B 237 -0.07 -7.47 26.63
N ASN B 238 1.18 -7.42 27.09
CA ASN B 238 2.35 -7.38 26.21
C ASN B 238 2.35 -6.13 25.34
N TYR B 239 1.91 -5.02 25.89
CA TYR B 239 2.04 -3.72 25.24
C TYR B 239 3.29 -3.03 25.77
N GLU B 240 3.90 -2.23 24.91
CA GLU B 240 5.05 -1.43 25.32
C GLU B 240 4.61 -0.41 26.36
N PRO B 241 5.43 -0.18 27.39
CA PRO B 241 5.11 0.88 28.35
C PRO B 241 4.96 2.21 27.64
N LEU B 242 4.02 3.02 28.12
CA LEU B 242 3.81 4.36 27.59
C LEU B 242 4.63 5.36 28.39
N THR B 243 5.27 6.28 27.69
CA THR B 243 6.12 7.28 28.32
C THR B 243 5.51 8.66 28.16
N GLN B 244 6.01 9.60 28.96
CA GLN B 244 5.58 10.99 28.78
C GLN B 244 5.94 11.50 27.39
N ASP B 245 7.04 11.00 26.82
CA ASP B 245 7.41 11.43 25.48
C ASP B 245 6.34 11.00 24.48
N HIS B 246 5.85 9.77 24.61
CA HIS B 246 4.76 9.29 23.77
C HIS B 246 3.54 10.17 23.91
N VAL B 247 3.15 10.47 25.16
CA VAL B 247 2.05 11.39 25.41
C VAL B 247 2.28 12.71 24.69
N ASP B 248 3.50 13.25 24.78
CA ASP B 248 3.81 14.51 24.12
C ASP B 248 3.57 14.40 22.61
N ILE B 249 4.03 13.31 22.00
CA ILE B 249 3.95 13.12 20.55
C ILE B 249 2.49 13.02 20.12
N LEU B 250 1.63 12.48 20.97
CA LEU B 250 0.20 12.42 20.68
C LEU B 250 -0.51 13.75 20.89
N GLY B 251 0.20 14.78 21.37
CA GLY B 251 -0.39 16.07 21.67
C GLY B 251 -1.24 16.68 20.58
N PRO B 252 -0.69 16.81 19.37
CA PRO B 252 -1.49 17.35 18.26
C PRO B 252 -2.77 16.58 17.97
N LEU B 253 -2.73 15.25 17.93
CA LEU B 253 -3.96 14.50 17.70
C LEU B 253 -4.94 14.69 18.85
N SER B 254 -4.43 14.75 20.08
CA SER B 254 -5.27 15.01 21.24
C SER B 254 -5.96 16.35 21.13
N ALA B 255 -5.21 17.39 20.78
CA ALA B 255 -5.79 18.73 20.62
C ALA B 255 -6.85 18.74 19.53
N GLN B 256 -6.56 18.13 18.38
CA GLN B 256 -7.49 18.16 17.26
C GLN B 256 -8.82 17.50 17.62
N THR B 257 -8.77 16.34 18.28
CA THR B 257 -9.99 15.60 18.60
C THR B 257 -10.63 16.03 19.90
N GLY B 258 -9.92 16.77 20.75
CA GLY B 258 -10.41 17.09 22.07
C GLY B 258 -10.41 15.95 23.08
N ILE B 259 -9.77 14.83 22.76
CA ILE B 259 -9.70 13.70 23.68
C ILE B 259 -8.30 13.68 24.29
N ALA B 260 -8.21 13.96 25.59
CA ALA B 260 -6.93 13.88 26.29
C ALA B 260 -6.30 12.50 26.13
N VAL B 261 -4.96 12.48 26.06
CA VAL B 261 -4.26 11.23 25.81
C VAL B 261 -4.61 10.21 26.88
N LEU B 262 -4.62 10.62 28.15
CA LEU B 262 -4.93 9.66 29.21
C LEU B 262 -6.41 9.28 29.23
N ASP B 263 -7.29 10.10 28.66
CA ASP B 263 -8.64 9.63 28.39
C ASP B 263 -8.63 8.52 27.34
N MET B 264 -7.84 8.70 26.28
CA MET B 264 -7.81 7.67 25.24
C MET B 264 -7.12 6.41 25.77
N CYS B 265 -6.15 6.57 26.69
CA CYS B 265 -5.59 5.41 27.37
C CYS B 265 -6.65 4.66 28.15
N ALA B 266 -7.63 5.37 28.74
CA ALA B 266 -8.69 4.68 29.45
C ALA B 266 -9.55 3.87 28.48
N SER B 267 -9.79 4.39 27.28
CA SER B 267 -10.47 3.61 26.25
C SER B 267 -9.66 2.38 25.88
N LEU B 268 -8.35 2.53 25.71
CA LEU B 268 -7.53 1.38 25.32
C LEU B 268 -7.55 0.33 26.42
N LYS B 269 -7.43 0.75 27.68
CA LYS B 269 -7.54 -0.21 28.78
C LYS B 269 -8.83 -1.01 28.69
N GLU B 270 -9.94 -0.33 28.43
CA GLU B 270 -11.23 -1.02 28.31
C GLU B 270 -11.20 -2.04 27.18
N LEU B 271 -10.68 -1.64 26.01
CA LEU B 271 -10.63 -2.56 24.87
C LEU B 271 -9.73 -3.76 25.15
N LEU B 272 -8.63 -3.55 25.90
CA LEU B 272 -7.74 -4.65 26.21
C LEU B 272 -8.41 -5.64 27.17
N GLN B 273 -9.20 -5.13 28.12
CA GLN B 273 -9.83 -5.99 29.13
C GLN B 273 -11.11 -6.64 28.62
N ASN B 274 -11.90 -5.95 27.78
CA ASN B 274 -13.19 -6.45 27.32
C ASN B 274 -13.23 -6.85 25.85
N GLY B 275 -12.22 -6.49 25.06
CA GLY B 275 -12.36 -6.71 23.63
C GLY B 275 -13.35 -5.71 23.03
N MET B 276 -13.77 -5.99 21.79
CA MET B 276 -14.67 -5.07 21.10
C MET B 276 -16.12 -5.54 21.04
N ASN B 277 -16.43 -6.73 21.57
CA ASN B 277 -17.80 -7.24 21.63
C ASN B 277 -18.48 -7.18 20.27
N GLY B 278 -17.79 -7.72 19.26
CA GLY B 278 -18.34 -7.84 17.93
C GLY B 278 -18.32 -6.59 17.10
N ARG B 279 -17.74 -5.50 17.60
CA ARG B 279 -17.66 -4.27 16.83
C ARG B 279 -16.28 -4.16 16.17
N THR B 280 -16.15 -3.18 15.28
CA THR B 280 -14.90 -2.94 14.58
C THR B 280 -14.51 -1.49 14.71
N ILE B 281 -13.21 -1.23 14.45
CA ILE B 281 -12.66 0.11 14.46
C ILE B 281 -11.92 0.30 13.14
N LEU B 282 -12.34 1.27 12.34
CA LEU B 282 -11.73 1.51 11.03
C LEU B 282 -11.65 0.22 10.21
N GLY B 283 -12.70 -0.58 10.28
CA GLY B 283 -12.78 -1.82 9.53
C GLY B 283 -12.01 -2.99 10.11
N SER B 284 -11.39 -2.84 11.28
CA SER B 284 -10.55 -3.88 11.85
C SER B 284 -11.18 -4.43 13.13
N ALA B 285 -11.09 -5.74 13.32
CA ALA B 285 -11.51 -6.38 14.57
C ALA B 285 -10.36 -6.56 15.54
N LEU B 286 -9.17 -6.07 15.18
CA LEU B 286 -7.98 -6.12 16.01
C LEU B 286 -7.43 -4.72 16.18
N LEU B 287 -6.69 -4.51 17.27
CA LEU B 287 -6.07 -3.22 17.51
C LEU B 287 -4.81 -3.11 16.66
N GLU B 288 -4.79 -2.09 15.81
CA GLU B 288 -3.73 -1.89 14.81
C GLU B 288 -2.59 -1.08 15.39
N ASP B 289 -1.35 -1.56 15.21
CA ASP B 289 -0.21 -0.84 15.80
C ASP B 289 0.87 -0.47 14.78
N GLU B 290 0.58 -0.52 13.48
CA GLU B 290 1.58 -0.16 12.48
C GLU B 290 1.32 1.21 11.83
N PHE B 291 0.61 2.11 12.52
CA PHE B 291 0.51 3.50 12.12
C PHE B 291 1.14 4.37 13.20
N THR B 292 2.15 5.17 12.84
CA THR B 292 2.71 6.12 13.81
C THR B 292 1.79 7.34 13.95
N PRO B 293 1.98 8.14 14.99
CA PRO B 293 1.28 9.45 15.03
C PRO B 293 1.51 10.28 13.78
N PHE B 294 2.73 10.29 13.25
CA PHE B 294 2.99 11.05 12.03
C PHE B 294 2.20 10.49 10.85
N ASP B 295 2.13 9.16 10.72
CA ASP B 295 1.31 8.52 9.67
C ASP B 295 -0.14 8.98 9.75
N VAL B 296 -0.67 9.11 10.96
CA VAL B 296 -2.06 9.53 11.11
C VAL B 296 -2.22 10.96 10.64
N VAL B 297 -1.34 11.85 11.11
CA VAL B 297 -1.43 13.25 10.73
C VAL B 297 -1.21 13.41 9.22
N ARG B 298 -0.24 12.67 8.67
CA ARG B 298 0.08 12.77 7.25
C ARG B 298 -1.13 12.46 6.40
N GLN B 299 -1.91 11.48 6.80
CA GLN B 299 -3.01 10.97 5.98
C GLN B 299 -4.33 11.65 6.26
N CYS B 300 -4.59 11.98 7.53
CA CYS B 300 -5.81 12.67 7.89
C CYS B 300 -5.73 14.17 7.65
N SER B 301 -4.55 14.69 7.24
CA SER B 301 -4.38 16.09 6.87
CA SER B 301 -4.36 16.09 6.87
C SER B 301 -3.91 16.31 5.44
N GLY B 302 -3.47 15.26 4.73
CA GLY B 302 -3.18 15.38 3.31
C GLY B 302 -1.81 15.93 2.97
N VAL B 303 -0.79 15.59 3.76
CA VAL B 303 0.57 15.99 3.44
C VAL B 303 0.98 15.40 2.09
N THR B 304 1.69 16.21 1.30
CA THR B 304 2.18 15.77 0.00
C THR B 304 3.70 15.55 0.01
N ALA C 1 -27.84 13.78 4.66
CA ALA C 1 -26.49 14.29 4.46
C ALA C 1 -26.19 14.29 2.96
N THR C 2 -25.27 15.14 2.53
CA THR C 2 -25.02 15.31 1.10
C THR C 2 -23.64 14.80 0.69
N VAL C 3 -23.56 14.44 -0.60
CA VAL C 3 -22.26 14.10 -1.20
C VAL C 3 -21.34 15.32 -1.14
N ARG C 4 -20.06 15.08 -0.93
CA ARG C 4 -19.03 16.12 -1.00
C ARG C 4 -18.19 15.88 -2.25
N LEU C 5 -18.29 16.78 -3.22
CA LEU C 5 -17.35 16.79 -4.33
C LEU C 5 -15.97 17.19 -3.80
N GLN C 6 -14.93 16.46 -4.16
CA GLN C 6 -13.66 16.61 -3.43
C GLN C 6 -12.57 17.35 -4.20
N ALA C 7 -12.95 18.29 -5.06
CA ALA C 7 -12.03 19.35 -5.43
C ALA C 7 -11.62 20.13 -4.19
N GLY C 8 -10.52 20.88 -4.32
CA GLY C 8 -10.05 21.73 -3.26
C GLY C 8 -10.29 23.19 -3.56
N ASN C 9 -9.80 24.02 -2.64
CA ASN C 9 -9.93 25.47 -2.75
C ASN C 9 -8.54 26.08 -2.81
N ALA C 10 -8.36 27.02 -3.73
CA ALA C 10 -7.08 27.70 -3.88
C ALA C 10 -7.12 29.07 -3.20
N ALA D 1 14.55 -25.65 11.84
CA ALA D 1 14.39 -24.85 10.63
C ALA D 1 15.42 -23.73 10.63
N THR D 2 15.83 -23.29 9.44
CA THR D 2 16.87 -22.29 9.31
C THR D 2 16.35 -21.04 8.61
N VAL D 3 17.05 -19.93 8.87
CA VAL D 3 16.89 -18.71 8.09
C VAL D 3 17.06 -19.02 6.61
N ARG D 4 16.31 -18.33 5.76
CA ARG D 4 16.48 -18.41 4.32
C ARG D 4 16.95 -17.05 3.82
N LEU D 5 18.19 -17.01 3.30
CA LEU D 5 18.67 -15.85 2.57
C LEU D 5 17.87 -15.74 1.29
N GLN D 6 17.38 -14.55 0.97
CA GLN D 6 16.39 -14.44 -0.10
C GLN D 6 16.96 -13.84 -1.38
N ALA D 7 18.23 -14.10 -1.66
CA ALA D 7 18.68 -14.04 -3.03
C ALA D 7 17.89 -15.04 -3.88
N GLY D 8 17.96 -14.87 -5.19
CA GLY D 8 17.33 -15.76 -6.14
C GLY D 8 18.36 -16.54 -6.95
N ASN D 9 17.84 -17.36 -7.86
CA ASN D 9 18.65 -18.14 -8.79
C ASN D 9 18.62 -17.47 -10.17
N ALA D 10 19.79 -17.39 -10.79
CA ALA D 10 19.88 -16.80 -12.13
C ALA D 10 19.20 -17.70 -13.18
#